data_1YPJ
#
_entry.id   1YPJ
#
_cell.length_a   70.521
_cell.length_b   71.809
_cell.length_c   71.308
_cell.angle_alpha   90.00
_cell.angle_beta   99.87
_cell.angle_gamma   90.00
#
_symmetry.space_group_name_H-M   'C 1 2 1'
#
loop_
_entity.id
_entity.type
_entity.pdbx_description
1 polymer 'Thrombin light chain'
2 polymer 'Thrombin heavy chain'
3 polymer Hirudin
4 non-polymer (1R,3AS,4R,8AS,8BR)-4-{5-(PHENYL[1,3]DIOXOL-5-YLMETHYL)-4-ETHYL-2,3,3-TRIMETHYL-6-OXO-OCTAHYDRO-PYRROLO[3,4-C]PYRROL-1-YL}-BENZAMIDINE
5 water water
#
loop_
_entity_poly.entity_id
_entity_poly.type
_entity_poly.pdbx_seq_one_letter_code
_entity_poly.pdbx_strand_id
1 'polypeptide(L)' ADCGLRPLFEKKSLEDKTERELLESYI L
2 'polypeptide(L)'
;IVEGSDAEIGMSPWQVMLFRKSPQELLCGASLISDRWVLTAAHCLLYPPWDKNFTENDLLVRIGKHSRTRYERNIEKISM
LEKIYIHPRYNWRENLDRDIALMKLKKPVAFSDYIHPVCLPDRETAASLLQAGYKGRVTGWGNLKETWTANVGKGQPSVL
QVVNLPIVERPVCKDSTRIRITDNMFCAGYKPDEGKRGDACEGDSGGPFVMKSPFNNRWYQMGIVSWGEGCDRDGKYGFY
THVFRLKKWIQKVIDQF
;
H
3 'polypeptide(L)' DFEEIPEE(TYS)L I
#
# COMPACT_ATOMS: atom_id res chain seq x y z
N ALA A 1 -12.29 -11.09 14.17
CA ALA A 1 -11.51 -11.37 12.97
C ALA A 1 -10.08 -11.76 13.31
N ASP A 2 -9.41 -12.40 12.36
CA ASP A 2 -8.00 -12.66 12.45
C ASP A 2 -7.22 -11.65 11.60
N CYS A 3 -7.89 -10.57 11.18
CA CYS A 3 -7.18 -9.59 10.35
C CYS A 3 -5.91 -9.12 11.02
N GLY A 4 -4.86 -8.86 10.25
CA GLY A 4 -3.74 -8.13 10.80
C GLY A 4 -2.80 -8.95 11.65
N LEU A 5 -3.02 -10.25 11.73
CA LEU A 5 -2.18 -11.19 12.48
C LEU A 5 -1.50 -12.12 11.45
N ARG A 6 -0.20 -11.93 11.29
CA ARG A 6 0.49 -12.70 10.24
C ARG A 6 0.75 -14.13 10.69
N PRO A 7 0.38 -15.07 9.84
CA PRO A 7 0.73 -16.47 10.09
C PRO A 7 2.18 -16.73 10.42
N LEU A 8 3.13 -15.96 9.88
CA LEU A 8 4.52 -16.32 10.11
C LEU A 8 5.21 -15.43 11.14
N PHE A 9 4.46 -14.45 11.66
CA PHE A 9 4.95 -13.66 12.77
C PHE A 9 3.94 -13.71 13.91
N GLU A 10 2.95 -12.82 13.98
CA GLU A 10 2.09 -12.79 15.16
C GLU A 10 1.51 -14.12 15.59
N LYS A 11 1.07 -14.92 14.62
CA LYS A 11 0.37 -16.14 14.99
C LYS A 11 1.27 -17.16 15.67
N LYS A 12 2.56 -17.13 15.37
CA LYS A 12 3.57 -18.02 15.93
C LYS A 12 4.49 -17.28 16.88
N SER A 13 4.12 -16.04 17.18
CA SER A 13 4.85 -15.21 18.14
C SER A 13 6.32 -15.03 17.77
N LEU A 14 6.53 -14.74 16.48
CA LEU A 14 7.80 -14.31 15.94
C LEU A 14 7.68 -12.82 15.56
N GLU A 15 8.73 -12.06 15.74
CA GLU A 15 8.82 -10.64 15.39
C GLU A 15 9.71 -10.49 14.17
N ASP A 16 9.31 -9.60 13.26
CA ASP A 16 10.16 -9.38 12.07
C ASP A 16 11.27 -8.43 12.47
N LYS A 17 12.21 -8.20 11.55
CA LYS A 17 13.42 -7.52 11.97
C LYS A 17 13.28 -6.04 12.31
N THR A 18 12.18 -5.37 11.99
CA THR A 18 12.15 -3.93 12.26
C THR A 18 10.85 -3.47 12.89
N GLU A 19 9.89 -4.35 13.21
CA GLU A 19 8.68 -3.86 13.87
C GLU A 19 8.94 -3.16 15.20
N ARG A 20 10.05 -3.43 15.89
CA ARG A 20 10.29 -2.75 17.16
C ARG A 20 10.52 -1.26 16.93
N GLU A 21 11.12 -0.94 15.79
CA GLU A 21 11.35 0.47 15.45
C GLU A 21 10.02 1.19 15.51
N LEU A 22 8.97 0.54 14.99
CA LEU A 22 7.64 1.08 15.03
C LEU A 22 7.18 1.25 16.48
N LEU A 23 7.26 0.17 17.25
CA LEU A 23 6.82 0.18 18.64
C LEU A 23 7.51 1.28 19.44
N GLU A 24 8.81 1.37 19.19
CA GLU A 24 9.63 2.37 19.89
C GLU A 24 9.15 3.77 19.56
N SER A 25 8.56 4.03 18.40
CA SER A 25 8.09 5.39 18.11
C SER A 25 6.71 5.65 18.69
N TYR A 26 6.01 4.64 19.16
CA TYR A 26 4.66 4.91 19.67
C TYR A 26 4.76 5.35 21.13
N ILE A 27 5.32 6.52 21.31
CA ILE A 27 5.77 7.28 22.47
C ILE A 27 6.94 6.57 23.18
N ILE B 1 10.49 1.39 -3.85
CA ILE B 1 10.90 1.79 -2.50
C ILE B 1 12.38 2.15 -2.57
N VAL B 2 12.71 3.31 -2.05
CA VAL B 2 14.04 3.89 -2.04
C VAL B 2 14.63 3.89 -0.62
N GLU B 3 15.84 3.37 -0.49
CA GLU B 3 16.53 3.33 0.80
C GLU B 3 15.73 2.42 1.74
N GLY B 4 15.13 1.40 1.13
CA GLY B 4 14.43 0.38 1.89
C GLY B 4 15.33 -0.83 2.09
N SER B 5 14.71 -1.96 2.40
CA SER B 5 15.38 -3.22 2.65
C SER B 5 14.54 -4.34 2.08
N ASP B 6 15.16 -5.47 1.81
CA ASP B 6 14.42 -6.64 1.35
C ASP B 6 13.41 -7.08 2.40
N ALA B 7 12.13 -7.29 2.05
CA ALA B 7 11.21 -7.81 3.06
C ALA B 7 11.54 -9.25 3.42
N GLU B 8 11.12 -9.70 4.61
CA GLU B 8 11.16 -11.10 4.99
C GLU B 8 9.98 -11.86 4.43
N ILE B 9 10.13 -13.18 4.28
CA ILE B 9 8.99 -13.99 3.85
C ILE B 9 7.80 -13.82 4.78
N GLY B 10 6.64 -13.55 4.23
CA GLY B 10 5.40 -13.45 4.97
C GLY B 10 5.27 -12.20 5.81
N MET B 11 6.15 -11.24 5.61
CA MET B 11 6.19 -10.01 6.38
C MET B 11 5.01 -9.08 6.11
N SER B 12 4.45 -9.22 4.92
CA SER B 12 3.41 -8.35 4.38
C SER B 12 2.44 -9.16 3.53
N PRO B 13 1.76 -10.07 4.22
CA PRO B 13 0.94 -11.08 3.56
C PRO B 13 -0.32 -10.50 2.94
N TRP B 14 -0.57 -9.22 3.20
CA TRP B 14 -1.70 -8.53 2.58
C TRP B 14 -1.25 -7.76 1.35
N GLN B 15 0.05 -7.81 1.05
CA GLN B 15 0.53 -7.09 -0.13
C GLN B 15 -0.04 -7.66 -1.41
N VAL B 16 -0.50 -6.79 -2.30
CA VAL B 16 -1.05 -7.28 -3.56
C VAL B 16 -0.28 -6.63 -4.72
N MET B 17 -0.06 -7.37 -5.80
CA MET B 17 0.52 -6.78 -7.01
C MET B 17 -0.57 -6.60 -8.06
N LEU B 18 -0.73 -5.36 -8.54
CA LEU B 18 -1.60 -5.12 -9.67
C LEU B 18 -0.71 -5.30 -10.91
N PHE B 19 -1.12 -6.25 -11.73
CA PHE B 19 -0.31 -6.69 -12.86
C PHE B 19 -1.11 -6.55 -14.15
N ARG B 20 -0.51 -5.80 -15.07
CA ARG B 20 -1.07 -5.62 -16.41
C ARG B 20 -0.83 -6.89 -17.22
N LYS B 21 -1.86 -7.37 -17.88
CA LYS B 21 -1.89 -8.57 -18.70
C LYS B 21 -1.05 -8.46 -19.97
N SER B 22 -1.24 -7.34 -20.67
CA SER B 22 -0.55 -7.22 -21.95
C SER B 22 -0.37 -5.75 -22.32
N PRO B 23 0.83 -5.20 -22.27
CA PRO B 23 2.08 -5.91 -21.98
C PRO B 23 2.22 -6.20 -20.49
N GLN B 24 2.81 -7.36 -20.19
CA GLN B 24 2.92 -7.86 -18.82
C GLN B 24 3.86 -7.03 -17.97
N GLU B 25 3.29 -6.19 -17.12
CA GLU B 25 4.12 -5.34 -16.26
C GLU B 25 3.42 -5.03 -14.93
N LEU B 26 4.22 -4.50 -14.01
CA LEU B 26 3.68 -4.11 -12.71
C LEU B 26 2.85 -2.85 -12.87
N LEU B 27 1.61 -2.86 -12.38
CA LEU B 27 0.79 -1.66 -12.52
C LEU B 27 0.88 -0.75 -11.31
N CYS B 28 0.91 -1.37 -10.13
CA CYS B 28 0.77 -0.71 -8.85
C CYS B 28 0.76 -1.78 -7.75
N GLY B 29 0.88 -1.29 -6.52
CA GLY B 29 0.61 -2.09 -5.33
C GLY B 29 -0.85 -1.90 -4.95
N ALA B 30 -1.25 -2.71 -3.98
CA ALA B 30 -2.60 -2.80 -3.47
C ALA B 30 -2.52 -3.63 -2.19
N SER B 31 -3.63 -3.87 -1.53
CA SER B 31 -3.80 -4.50 -0.25
C SER B 31 -4.97 -5.47 -0.23
N LEU B 32 -4.83 -6.62 0.40
CA LEU B 32 -5.90 -7.55 0.67
C LEU B 32 -6.63 -7.20 1.95
N ILE B 33 -7.91 -6.89 1.85
CA ILE B 33 -8.61 -6.51 3.07
C ILE B 33 -9.68 -7.55 3.45
N SER B 34 -9.86 -8.55 2.60
CA SER B 34 -10.72 -9.67 2.96
C SER B 34 -10.62 -10.72 1.87
N ASP B 35 -11.44 -11.78 1.87
CA ASP B 35 -11.13 -12.80 0.88
C ASP B 35 -11.54 -12.45 -0.54
N ARG B 36 -12.26 -11.37 -0.78
CA ARG B 36 -12.67 -10.99 -2.12
C ARG B 36 -12.52 -9.49 -2.41
N TRP B 37 -11.91 -8.73 -1.51
CA TRP B 37 -11.76 -7.29 -1.75
C TRP B 37 -10.31 -6.81 -1.63
N VAL B 38 -9.89 -6.03 -2.61
CA VAL B 38 -8.55 -5.45 -2.63
C VAL B 38 -8.65 -3.92 -2.63
N LEU B 39 -7.81 -3.26 -1.86
CA LEU B 39 -7.83 -1.80 -1.72
C LEU B 39 -6.62 -1.22 -2.44
N THR B 40 -6.78 -0.15 -3.19
CA THR B 40 -5.64 0.44 -3.91
C THR B 40 -5.86 1.94 -4.09
N ALA B 41 -4.96 2.66 -4.74
CA ALA B 41 -5.18 4.08 -5.03
C ALA B 41 -5.94 4.27 -6.33
N ALA B 42 -6.87 5.22 -6.32
CA ALA B 42 -7.65 5.49 -7.52
C ALA B 42 -6.76 5.75 -8.73
N HIS B 43 -5.67 6.48 -8.56
CA HIS B 43 -4.83 6.89 -9.69
C HIS B 43 -4.14 5.70 -10.37
N CYS B 44 -4.07 4.56 -9.69
CA CYS B 44 -3.60 3.32 -10.30
C CYS B 44 -4.50 2.84 -11.43
N LEU B 45 -5.78 3.23 -11.40
CA LEU B 45 -6.76 2.72 -12.36
C LEU B 45 -7.39 3.82 -13.22
N LEU B 46 -7.37 5.07 -12.76
CA LEU B 46 -7.99 6.18 -13.46
C LEU B 46 -7.19 7.47 -13.30
N TYR B 47 -6.65 7.96 -14.43
CA TYR B 47 -5.92 9.21 -14.43
C TYR B 47 -6.00 9.80 -15.85
N PRO B 48 -7.11 10.44 -16.14
CA PRO B 48 -7.36 11.00 -17.47
C PRO B 48 -6.28 11.89 -18.04
N PRO B 49 -5.54 12.75 -17.37
CA PRO B 49 -4.58 13.57 -18.09
C PRO B 49 -3.52 12.80 -18.89
N TRP B 50 -3.31 11.56 -18.49
CA TRP B 50 -2.33 10.66 -19.08
C TRP B 50 -3.07 9.53 -19.80
N ASP B 51 -4.37 9.76 -19.94
CA ASP B 51 -5.31 8.82 -20.52
C ASP B 51 -5.18 7.43 -19.91
N LYS B 52 -5.19 7.34 -18.59
CA LYS B 52 -5.25 6.06 -17.90
C LYS B 52 -6.68 5.77 -17.47
N ASN B 53 -7.26 4.66 -17.92
CA ASN B 53 -8.58 4.24 -17.48
C ASN B 53 -8.74 2.72 -17.49
N PHE B 54 -8.07 1.97 -16.63
CA PHE B 54 -8.11 0.51 -16.77
C PHE B 54 -9.48 -0.10 -16.44
N THR B 55 -9.88 -1.10 -17.22
CA THR B 55 -11.07 -1.90 -17.04
C THR B 55 -10.74 -3.21 -16.31
N GLU B 56 -11.76 -3.90 -15.85
CA GLU B 56 -11.57 -5.12 -15.06
C GLU B 56 -10.69 -6.07 -15.83
N ASN B 57 -10.95 -6.14 -17.14
CA ASN B 57 -10.25 -7.15 -17.92
C ASN B 57 -8.84 -6.77 -18.30
N ASP B 58 -8.36 -5.57 -17.94
CA ASP B 58 -7.03 -5.20 -18.37
C ASP B 58 -5.94 -5.72 -17.44
N LEU B 59 -6.35 -6.25 -16.29
CA LEU B 59 -5.33 -6.63 -15.32
C LEU B 59 -5.71 -7.82 -14.43
N LEU B 60 -4.75 -8.22 -13.63
CA LEU B 60 -4.89 -9.26 -12.62
C LEU B 60 -4.34 -8.80 -11.29
N VAL B 61 -4.82 -9.42 -10.21
CA VAL B 61 -4.13 -9.16 -8.93
C VAL B 61 -3.29 -10.38 -8.55
N ARG B 62 -2.10 -10.19 -8.05
CA ARG B 62 -1.23 -11.29 -7.61
C ARG B 62 -0.94 -11.10 -6.12
N ILE B 63 -1.28 -12.11 -5.36
CA ILE B 63 -1.30 -12.16 -3.91
C ILE B 63 -0.34 -13.25 -3.46
N GLY B 64 0.36 -13.00 -2.36
CA GLY B 64 1.29 -13.95 -1.81
C GLY B 64 2.69 -13.80 -2.38
N LYS B 65 2.97 -12.68 -3.07
CA LYS B 65 4.27 -12.65 -3.72
C LYS B 65 5.37 -12.08 -2.84
N HIS B 66 6.57 -12.45 -3.26
CA HIS B 66 7.80 -11.95 -2.66
C HIS B 66 8.75 -11.46 -3.77
N SER B 67 8.93 -12.37 -4.73
CA SER B 67 9.70 -12.06 -5.92
C SER B 67 8.88 -11.15 -6.83
N ARG B 68 9.51 -10.13 -7.38
CA ARG B 68 8.81 -9.23 -8.28
C ARG B 68 8.46 -9.89 -9.60
N THR B 69 9.48 -10.42 -10.31
CA THR B 69 9.25 -10.95 -11.65
C THR B 69 8.90 -12.44 -11.69
N ARG B 70 9.32 -13.28 -10.73
CA ARG B 70 9.03 -14.71 -10.85
C ARG B 70 7.55 -15.06 -10.70
N TYR B 71 7.05 -16.05 -11.44
CA TYR B 71 5.78 -16.67 -11.10
C TYR B 71 5.98 -17.66 -9.94
N GLU B 72 5.46 -17.34 -8.77
CA GLU B 72 5.83 -18.03 -7.53
C GLU B 72 4.90 -19.22 -7.30
N ARG B 73 5.24 -20.26 -8.07
CA ARG B 73 4.48 -21.51 -8.14
C ARG B 73 4.17 -22.07 -6.77
N ASN B 74 2.92 -22.44 -6.49
CA ASN B 74 2.56 -23.01 -5.19
C ASN B 74 2.59 -21.98 -4.08
N ILE B 75 2.77 -20.71 -4.41
CA ILE B 75 2.82 -19.74 -3.32
C ILE B 75 1.84 -18.60 -3.56
N GLU B 76 2.11 -17.92 -4.67
CA GLU B 76 1.28 -16.80 -5.11
C GLU B 76 -0.05 -17.32 -5.63
N LYS B 77 -1.10 -16.50 -5.56
CA LYS B 77 -2.39 -16.84 -6.15
C LYS B 77 -2.74 -15.69 -7.09
N ILE B 78 -3.31 -16.01 -8.23
CA ILE B 78 -3.63 -14.91 -9.19
C ILE B 78 -5.12 -14.84 -9.44
N SER B 79 -5.74 -13.69 -9.19
CA SER B 79 -7.18 -13.53 -9.24
C SER B 79 -7.61 -12.55 -10.33
N MET B 80 -8.81 -12.83 -10.84
CA MET B 80 -9.40 -11.93 -11.82
C MET B 80 -10.32 -10.94 -11.13
N LEU B 81 -10.52 -9.78 -11.75
CA LEU B 81 -11.35 -8.73 -11.19
C LEU B 81 -12.82 -8.87 -11.57
N GLU B 82 -13.71 -8.83 -10.59
CA GLU B 82 -15.12 -8.81 -10.96
C GLU B 82 -15.54 -7.37 -11.28
N LYS B 83 -15.09 -6.43 -10.45
CA LYS B 83 -15.57 -5.07 -10.63
C LYS B 83 -14.67 -4.11 -9.85
N ILE B 84 -14.38 -2.99 -10.48
CA ILE B 84 -13.64 -1.87 -9.92
C ILE B 84 -14.59 -0.79 -9.43
N TYR B 85 -14.32 -0.23 -8.25
CA TYR B 85 -15.07 0.88 -7.69
C TYR B 85 -14.14 2.02 -7.25
N ILE B 86 -14.29 3.15 -7.92
CA ILE B 86 -13.48 4.33 -7.65
C ILE B 86 -14.26 5.34 -6.82
N HIS B 87 -13.64 5.97 -5.83
CA HIS B 87 -14.37 7.03 -5.11
C HIS B 87 -14.92 8.06 -6.09
N PRO B 88 -16.23 8.28 -6.11
CA PRO B 88 -16.88 9.16 -7.09
C PRO B 88 -16.45 10.61 -6.98
N ARG B 89 -15.96 11.04 -5.85
CA ARG B 89 -15.35 12.33 -5.56
C ARG B 89 -13.84 12.34 -5.57
N TYR B 90 -13.18 11.32 -6.11
CA TYR B 90 -11.73 11.38 -6.34
C TYR B 90 -11.36 12.55 -7.24
N ASN B 91 -10.48 13.41 -6.77
CA ASN B 91 -10.16 14.65 -7.47
C ASN B 91 -8.85 14.56 -8.25
N TRP B 92 -8.92 13.96 -9.43
CA TRP B 92 -7.78 13.75 -10.30
C TRP B 92 -7.40 15.06 -10.99
N ARG B 93 -8.28 16.06 -10.95
CA ARG B 93 -7.99 17.33 -11.62
C ARG B 93 -7.00 18.18 -10.83
N GLU B 94 -7.21 18.28 -9.52
CA GLU B 94 -6.47 19.21 -8.70
C GLU B 94 -5.33 18.58 -7.90
N ASN B 95 -5.63 17.55 -7.10
CA ASN B 95 -4.64 17.14 -6.11
C ASN B 95 -4.72 15.68 -5.70
N LEU B 96 -5.45 14.85 -6.40
CA LEU B 96 -5.64 13.46 -5.99
C LEU B 96 -6.37 13.32 -4.67
N ASP B 97 -7.26 14.26 -4.35
CA ASP B 97 -8.04 14.11 -3.12
C ASP B 97 -8.87 12.85 -3.25
N ARG B 98 -9.05 12.13 -2.15
CA ARG B 98 -9.82 10.89 -2.11
C ARG B 98 -9.28 9.86 -3.12
N ASP B 99 -7.97 9.68 -3.07
CA ASP B 99 -7.22 8.76 -3.92
C ASP B 99 -7.40 7.34 -3.41
N ILE B 100 -8.56 6.77 -3.75
CA ILE B 100 -8.87 5.43 -3.24
C ILE B 100 -9.76 4.64 -4.17
N ALA B 101 -9.49 3.33 -4.28
CA ALA B 101 -10.37 2.46 -5.05
C ALA B 101 -10.41 1.06 -4.45
N LEU B 102 -11.55 0.40 -4.67
CA LEU B 102 -11.75 -0.99 -4.32
C LEU B 102 -11.84 -1.86 -5.57
N MET B 103 -11.44 -3.11 -5.48
CA MET B 103 -11.61 -4.13 -6.51
C MET B 103 -12.16 -5.41 -5.84
N LYS B 104 -13.28 -5.86 -6.38
CA LYS B 104 -13.89 -7.11 -5.97
C LYS B 104 -13.37 -8.21 -6.88
N LEU B 105 -12.93 -9.31 -6.29
CA LEU B 105 -12.41 -10.45 -7.02
C LEU B 105 -13.54 -11.40 -7.44
N LYS B 106 -13.30 -12.11 -8.54
CA LYS B 106 -14.23 -13.10 -9.07
C LYS B 106 -14.51 -14.23 -8.10
N LYS B 107 -13.49 -14.74 -7.43
CA LYS B 107 -13.58 -15.84 -6.48
C LYS B 107 -12.83 -15.55 -5.18
N PRO B 108 -13.25 -16.08 -4.05
CA PRO B 108 -12.49 -15.76 -2.83
C PRO B 108 -11.10 -16.36 -2.96
N VAL B 109 -10.10 -15.63 -2.46
CA VAL B 109 -8.73 -16.13 -2.41
C VAL B 109 -8.57 -16.88 -1.10
N ALA B 110 -7.89 -18.03 -1.16
CA ALA B 110 -7.69 -18.80 0.06
C ALA B 110 -6.50 -18.22 0.82
N PHE B 111 -6.70 -18.05 2.13
CA PHE B 111 -5.61 -17.58 2.98
C PHE B 111 -4.57 -18.68 3.13
N SER B 112 -3.35 -18.25 3.43
CA SER B 112 -2.23 -19.16 3.64
C SER B 112 -1.21 -18.45 4.51
N ASP B 113 -0.06 -19.07 4.67
CA ASP B 113 1.04 -18.43 5.36
C ASP B 113 1.45 -17.13 4.67
N TYR B 114 1.21 -17.05 3.37
CA TYR B 114 1.71 -15.95 2.55
C TYR B 114 0.59 -14.97 2.19
N ILE B 115 -0.65 -15.37 2.46
CA ILE B 115 -1.82 -14.60 2.05
C ILE B 115 -2.74 -14.37 3.24
N HIS B 116 -2.94 -13.09 3.60
CA HIS B 116 -3.69 -12.80 4.81
C HIS B 116 -4.08 -11.33 4.82
N PRO B 117 -5.32 -11.05 5.18
CA PRO B 117 -5.79 -9.66 5.11
C PRO B 117 -5.30 -8.77 6.24
N VAL B 118 -5.17 -7.49 5.90
CA VAL B 118 -4.80 -6.45 6.86
C VAL B 118 -6.07 -5.90 7.52
N CYS B 119 -6.01 -5.32 8.70
CA CYS B 119 -7.18 -4.67 9.29
C CYS B 119 -7.39 -3.25 8.80
N LEU B 120 -8.63 -2.76 8.89
CA LEU B 120 -8.85 -1.34 8.60
C LEU B 120 -9.09 -0.63 9.93
N PRO B 121 -8.62 0.60 10.05
CA PRO B 121 -8.69 1.29 11.33
C PRO B 121 -10.12 1.76 11.65
N ASP B 122 -10.42 1.89 12.93
CA ASP B 122 -11.63 2.62 13.33
C ASP B 122 -11.18 3.97 13.89
N ARG B 123 -12.11 4.78 14.37
CA ARG B 123 -11.78 6.14 14.75
C ARG B 123 -10.67 6.23 15.78
N GLU B 124 -10.72 5.25 16.68
CA GLU B 124 -9.79 5.34 17.81
C GLU B 124 -8.42 4.83 17.43
N THR B 125 -8.37 3.82 16.57
CA THR B 125 -7.12 3.37 15.96
C THR B 125 -6.41 4.57 15.34
N ALA B 126 -7.16 5.26 14.49
CA ALA B 126 -6.65 6.46 13.84
C ALA B 126 -6.22 7.51 14.84
N ALA B 127 -7.07 7.79 15.82
CA ALA B 127 -6.75 8.85 16.77
C ALA B 127 -5.53 8.49 17.59
N SER B 128 -5.37 7.21 17.92
CA SER B 128 -4.25 6.68 18.68
C SER B 128 -2.93 6.55 17.94
N LEU B 129 -2.96 6.27 16.63
CA LEU B 129 -1.73 5.99 15.93
C LEU B 129 -1.26 7.06 14.96
N LEU B 130 -2.19 7.81 14.38
CA LEU B 130 -1.83 8.75 13.32
C LEU B 130 -1.42 10.09 13.96
N GLN B 131 -0.23 10.06 14.53
CA GLN B 131 0.41 11.10 15.28
C GLN B 131 1.81 11.36 14.72
N ALA B 132 2.17 12.63 14.61
CA ALA B 132 3.50 12.98 14.10
C ALA B 132 4.59 12.22 14.85
N GLY B 133 5.56 11.67 14.13
CA GLY B 133 6.64 10.96 14.82
C GLY B 133 6.38 9.47 14.98
N TYR B 134 5.13 9.04 14.96
CA TYR B 134 4.84 7.60 14.96
C TYR B 134 5.16 6.98 13.62
N LYS B 135 5.90 5.87 13.63
CA LYS B 135 6.28 5.31 12.34
C LYS B 135 5.28 4.29 11.81
N GLY B 136 5.14 4.34 10.50
CA GLY B 136 4.42 3.32 9.77
C GLY B 136 5.36 2.65 8.79
N ARG B 137 4.83 1.69 8.06
CA ARG B 137 5.55 0.82 7.16
C ARG B 137 4.99 0.82 5.76
N VAL B 138 5.85 1.04 4.77
CA VAL B 138 5.43 1.00 3.37
C VAL B 138 6.20 -0.09 2.64
N THR B 139 5.49 -0.78 1.73
CA THR B 139 6.02 -1.91 1.01
C THR B 139 5.68 -1.84 -0.46
N GLY B 140 6.57 -2.35 -1.32
CA GLY B 140 6.20 -2.40 -2.72
C GLY B 140 7.35 -2.91 -3.60
N TRP B 141 7.03 -3.07 -4.88
CA TRP B 141 8.00 -3.51 -5.85
C TRP B 141 8.43 -2.38 -6.78
N GLY B 142 8.22 -1.13 -6.37
CA GLY B 142 8.56 0.00 -7.21
C GLY B 142 10.06 0.24 -7.27
N ASN B 143 10.41 1.29 -8.00
CA ASN B 143 11.79 1.68 -8.28
C ASN B 143 12.60 1.89 -7.00
N LEU B 144 13.88 1.56 -7.07
CA LEU B 144 14.82 1.71 -5.99
C LEU B 144 15.44 3.11 -5.94
N LYS B 145 15.31 3.83 -7.05
CA LYS B 145 15.86 5.17 -7.19
C LYS B 145 14.92 6.03 -8.04
N GLU B 146 14.89 7.33 -7.75
CA GLU B 146 14.04 8.20 -8.54
C GLU B 146 14.39 8.09 -10.02
N THR B 147 15.67 8.24 -10.36
CA THR B 147 16.01 7.96 -11.76
C THR B 147 17.23 7.05 -11.78
N TRP B 148 17.26 6.13 -12.72
CA TRP B 148 18.52 5.57 -13.22
C TRP B 148 18.25 4.56 -14.33
N GLY B 155 17.94 0.30 -9.41
CA GLY B 155 16.98 0.14 -10.47
C GLY B 155 15.64 -0.42 -10.02
N GLN B 156 15.35 -1.67 -10.37
CA GLN B 156 14.19 -2.41 -9.89
C GLN B 156 14.64 -3.49 -8.91
N PRO B 157 13.79 -3.85 -7.95
CA PRO B 157 14.15 -4.88 -6.97
C PRO B 157 13.84 -6.28 -7.45
N SER B 158 14.53 -7.28 -6.89
CA SER B 158 14.22 -8.67 -7.20
C SER B 158 13.13 -9.15 -6.24
N VAL B 159 13.14 -8.62 -5.02
CA VAL B 159 12.06 -8.98 -4.12
C VAL B 159 11.43 -7.74 -3.48
N LEU B 160 10.29 -8.03 -2.84
CA LEU B 160 9.50 -7.02 -2.15
C LEU B 160 10.33 -6.21 -1.16
N GLN B 161 10.18 -4.89 -1.22
CA GLN B 161 10.93 -3.98 -0.37
C GLN B 161 9.99 -3.37 0.68
N VAL B 162 10.59 -2.93 1.76
CA VAL B 162 9.99 -2.42 2.98
C VAL B 162 10.82 -1.26 3.49
N VAL B 163 10.15 -0.25 4.02
CA VAL B 163 10.80 0.89 4.69
C VAL B 163 9.87 1.45 5.76
N ASN B 164 10.41 1.80 6.91
CA ASN B 164 9.57 2.40 7.96
C ASN B 164 9.88 3.89 7.95
N LEU B 165 8.84 4.68 8.08
CA LEU B 165 8.82 6.12 7.99
C LEU B 165 7.84 6.76 8.98
N PRO B 166 8.28 7.86 9.59
CA PRO B 166 7.47 8.60 10.54
C PRO B 166 6.49 9.57 9.87
N ILE B 167 5.31 9.58 10.44
CA ILE B 167 4.26 10.51 10.04
C ILE B 167 4.76 11.90 10.39
N VAL B 168 4.40 12.86 9.57
CA VAL B 168 4.96 14.19 9.68
C VAL B 168 3.90 15.22 10.04
N GLU B 169 4.32 16.22 10.80
CA GLU B 169 3.47 17.32 11.23
C GLU B 169 2.81 17.97 10.02
N ARG B 170 1.52 18.28 10.13
CA ARG B 170 0.74 18.81 9.02
C ARG B 170 1.29 20.12 8.44
N PRO B 171 1.72 21.08 9.25
CA PRO B 171 2.31 22.28 8.63
C PRO B 171 3.58 21.96 7.84
N VAL B 172 4.38 21.00 8.27
CA VAL B 172 5.60 20.72 7.52
C VAL B 172 5.25 20.04 6.18
N CYS B 173 4.16 19.29 6.20
CA CYS B 173 3.73 18.62 4.98
C CYS B 173 3.33 19.68 3.95
N LYS B 174 2.50 20.58 4.44
CA LYS B 174 1.96 21.77 3.80
C LYS B 174 3.07 22.61 3.18
N ASP B 175 4.13 22.83 3.94
CA ASP B 175 5.21 23.73 3.54
C ASP B 175 6.19 23.09 2.59
N SER B 176 6.02 21.81 2.26
CA SER B 176 6.97 21.11 1.43
C SER B 176 6.51 21.07 -0.02
N THR B 177 5.29 21.54 -0.27
CA THR B 177 4.68 21.39 -1.59
C THR B 177 3.80 22.58 -1.96
N ARG B 178 3.56 22.78 -3.25
CA ARG B 178 2.66 23.79 -3.79
C ARG B 178 1.26 23.19 -3.97
N ILE B 179 1.14 21.88 -3.90
CA ILE B 179 -0.14 21.19 -3.99
C ILE B 179 -1.00 21.44 -2.77
N ARG B 180 -2.30 21.66 -3.01
CA ARG B 180 -3.19 21.90 -1.88
C ARG B 180 -3.53 20.59 -1.16
N ILE B 181 -3.14 20.50 0.10
CA ILE B 181 -3.32 19.31 0.94
C ILE B 181 -4.69 19.26 1.59
N THR B 182 -5.36 18.12 1.65
CA THR B 182 -6.67 17.95 2.27
C THR B 182 -6.60 17.09 3.54
N ASP B 183 -7.73 17.04 4.26
CA ASP B 183 -7.78 16.24 5.48
C ASP B 183 -7.77 14.74 5.21
N ASN B 184 -7.96 14.37 3.96
CA ASN B 184 -7.95 13.00 3.49
C ASN B 184 -6.58 12.52 3.02
N MET B 185 -5.54 13.24 3.37
CA MET B 185 -4.17 12.87 3.08
C MET B 185 -3.32 13.04 4.34
N PHE B 186 -2.21 12.33 4.45
CA PHE B 186 -1.17 12.65 5.42
C PHE B 186 0.16 12.44 4.71
N CYS B 187 1.24 12.95 5.30
CA CYS B 187 2.55 12.73 4.71
C CYS B 187 3.49 12.11 5.75
N ALA B 188 4.43 11.31 5.23
CA ALA B 188 5.36 10.57 6.06
C ALA B 188 6.78 10.62 5.50
N GLY B 189 7.76 10.61 6.40
CA GLY B 189 9.14 10.65 5.99
C GLY B 189 10.01 11.44 6.95
N TYR B 190 11.30 11.24 6.79
CA TYR B 190 12.33 11.87 7.60
C TYR B 190 12.66 13.27 7.08
N LYS B 191 12.93 14.20 7.98
CA LYS B 191 13.29 15.56 7.61
C LYS B 191 14.79 15.59 7.32
N PRO B 192 15.29 16.53 6.54
CA PRO B 192 16.72 16.48 6.18
C PRO B 192 17.62 16.41 7.39
N ASP B 193 17.17 16.96 8.52
CA ASP B 193 17.99 16.96 9.72
C ASP B 193 18.23 15.57 10.31
N GLU B 194 17.28 14.66 10.12
CA GLU B 194 17.34 13.35 10.76
C GLU B 194 18.34 12.39 10.15
N GLY B 195 18.83 12.64 8.95
CA GLY B 195 19.75 11.70 8.33
C GLY B 195 19.15 10.42 7.82
N LYS B 196 18.25 9.77 8.57
CA LYS B 196 17.64 8.56 8.02
C LYS B 196 16.86 8.93 6.77
N ARG B 197 16.76 8.03 5.80
CA ARG B 197 16.17 8.22 4.50
C ARG B 197 15.05 7.23 4.20
N GLY B 198 14.43 7.29 3.03
CA GLY B 198 13.43 6.35 2.57
C GLY B 198 12.18 7.01 2.03
N ASP B 199 11.55 6.37 1.04
CA ASP B 199 10.38 6.85 0.38
C ASP B 199 9.80 5.73 -0.48
N ALA B 200 8.52 5.91 -0.80
CA ALA B 200 7.92 5.19 -1.89
C ALA B 200 8.39 5.85 -3.21
N CYS B 201 8.17 5.18 -4.31
CA CYS B 201 8.57 5.66 -5.64
C CYS B 201 7.71 5.05 -6.72
N GLU B 202 8.00 5.30 -7.98
CA GLU B 202 7.25 4.74 -9.09
C GLU B 202 7.12 3.22 -8.97
N GLY B 203 5.91 2.71 -9.13
CA GLY B 203 5.51 1.35 -8.97
C GLY B 203 5.03 0.96 -7.58
N ASP B 204 5.19 1.81 -6.58
CA ASP B 204 4.74 1.58 -5.23
C ASP B 204 3.33 2.10 -4.98
N SER B 205 2.84 2.94 -5.87
CA SER B 205 1.50 3.51 -5.83
C SER B 205 0.43 2.50 -5.44
N GLY B 206 -0.50 2.90 -4.57
CA GLY B 206 -1.62 2.01 -4.28
C GLY B 206 -1.28 1.01 -3.19
N GLY B 207 -0.02 0.84 -2.86
CA GLY B 207 0.39 -0.11 -1.83
C GLY B 207 0.08 0.43 -0.46
N PRO B 208 0.15 -0.40 0.58
CA PRO B 208 -0.23 0.02 1.93
C PRO B 208 0.84 0.72 2.76
N PHE B 209 0.35 1.66 3.57
CA PHE B 209 1.04 2.24 4.72
C PHE B 209 0.44 1.62 5.98
N VAL B 210 1.20 0.75 6.66
CA VAL B 210 0.62 0.10 7.83
C VAL B 210 1.34 0.47 9.12
N MET B 211 0.66 0.20 10.21
CA MET B 211 1.07 0.46 11.58
C MET B 211 0.64 -0.70 12.46
N LYS B 212 1.44 -1.05 13.46
CA LYS B 212 1.09 -2.23 14.28
C LYS B 212 0.58 -1.71 15.61
N SER B 213 -0.69 -1.96 15.92
CA SER B 213 -1.20 -1.42 17.18
C SER B 213 -0.54 -2.08 18.40
N PRO B 214 -0.03 -1.25 19.30
CA PRO B 214 0.62 -1.71 20.52
C PRO B 214 -0.39 -2.17 21.56
N PHE B 215 -1.64 -1.83 21.32
CA PHE B 215 -2.76 -2.22 22.12
C PHE B 215 -3.24 -3.63 21.81
N ASN B 216 -3.38 -4.03 20.54
CA ASN B 216 -3.88 -5.37 20.27
C ASN B 216 -2.96 -6.17 19.35
N ASN B 217 -1.79 -5.60 19.05
CA ASN B 217 -0.80 -6.31 18.26
C ASN B 217 -1.22 -6.68 16.86
N ARG B 218 -2.23 -6.00 16.33
CA ARG B 218 -2.60 -6.18 14.93
C ARG B 218 -2.10 -5.08 14.01
N TRP B 219 -1.81 -5.44 12.76
CA TRP B 219 -1.52 -4.51 11.68
C TRP B 219 -2.79 -3.90 11.05
N TYR B 220 -2.78 -2.57 11.02
CA TYR B 220 -3.80 -1.74 10.43
C TYR B 220 -3.28 -0.91 9.25
N GLN B 221 -4.11 -0.81 8.22
CA GLN B 221 -3.69 0.00 7.09
C GLN B 221 -4.26 1.41 7.23
N MET B 222 -3.32 2.32 7.46
CA MET B 222 -3.69 3.67 7.82
C MET B 222 -3.70 4.52 6.55
N GLY B 223 -2.86 4.13 5.60
CA GLY B 223 -2.58 4.87 4.41
C GLY B 223 -2.48 4.06 3.14
N ILE B 224 -2.59 4.75 2.01
CA ILE B 224 -2.37 4.17 0.69
C ILE B 224 -1.34 5.04 -0.03
N VAL B 225 -0.29 4.45 -0.57
CA VAL B 225 0.65 5.28 -1.32
C VAL B 225 -0.09 6.05 -2.42
N SER B 226 -0.09 7.38 -2.31
CA SER B 226 -0.81 8.28 -3.19
C SER B 226 0.08 9.12 -4.11
N TRP B 227 0.86 10.04 -3.56
CA TRP B 227 1.71 10.88 -4.41
C TRP B 227 2.90 11.48 -3.70
N GLY B 228 3.70 12.18 -4.49
CA GLY B 228 4.86 12.91 -4.01
C GLY B 228 5.55 13.53 -5.23
N GLU B 229 6.68 14.14 -4.95
CA GLU B 229 7.44 14.80 -6.01
C GLU B 229 8.83 14.20 -6.01
N GLY B 230 9.11 13.46 -7.07
CA GLY B 230 10.28 12.61 -7.18
C GLY B 230 10.24 11.50 -6.13
N CYS B 231 11.42 11.02 -5.73
CA CYS B 231 11.47 10.00 -4.70
C CYS B 231 12.66 10.24 -3.78
N ASP B 232 12.39 10.17 -2.48
CA ASP B 232 13.40 10.31 -1.45
C ASP B 232 14.21 11.59 -1.63
N ARG B 233 13.53 12.65 -2.10
CA ARG B 233 14.21 13.93 -2.24
C ARG B 233 14.32 14.62 -0.89
N ASP B 234 15.37 15.43 -0.70
CA ASP B 234 15.46 16.11 0.58
C ASP B 234 14.39 17.19 0.66
N GLY B 235 13.72 17.30 1.79
CA GLY B 235 12.73 18.38 1.95
C GLY B 235 11.40 18.01 1.35
N LYS B 236 11.30 16.81 0.75
CA LYS B 236 9.99 16.35 0.28
C LYS B 236 9.58 15.14 1.14
N TYR B 237 8.30 14.81 1.06
CA TYR B 237 7.62 13.79 1.81
C TYR B 237 6.61 13.04 0.94
N GLY B 238 6.46 11.76 1.24
CA GLY B 238 5.45 10.94 0.56
C GLY B 238 4.07 11.30 1.13
N PHE B 239 3.09 11.35 0.23
CA PHE B 239 1.72 11.59 0.66
C PHE B 239 0.89 10.31 0.51
N TYR B 240 0.00 10.12 1.47
CA TYR B 240 -0.80 8.92 1.62
C TYR B 240 -2.26 9.25 1.80
N THR B 241 -3.09 8.44 1.16
CA THR B 241 -4.51 8.55 1.37
C THR B 241 -4.87 8.11 2.79
N HIS B 242 -5.67 8.93 3.46
CA HIS B 242 -6.14 8.69 4.82
C HIS B 242 -7.23 7.64 4.84
N VAL B 243 -6.89 6.37 5.11
CA VAL B 243 -7.90 5.32 4.99
C VAL B 243 -9.08 5.53 5.93
N PHE B 244 -8.81 5.86 7.20
CA PHE B 244 -9.93 5.93 8.15
C PHE B 244 -10.93 6.99 7.72
N ARG B 245 -10.45 8.08 7.16
CA ARG B 245 -11.30 9.18 6.71
C ARG B 245 -12.20 8.80 5.55
N LEU B 246 -11.82 7.75 4.83
CA LEU B 246 -12.65 7.34 3.68
C LEU B 246 -13.36 6.04 3.93
N LYS B 247 -13.40 5.65 5.21
CA LYS B 247 -13.90 4.34 5.58
C LYS B 247 -15.42 4.28 5.44
N LYS B 248 -16.07 5.44 5.60
CA LYS B 248 -17.52 5.41 5.36
C LYS B 248 -17.79 4.96 3.94
N TRP B 249 -16.96 5.43 3.00
CA TRP B 249 -17.18 5.00 1.62
C TRP B 249 -16.80 3.53 1.44
N ILE B 250 -15.71 3.10 2.07
CA ILE B 250 -15.32 1.70 1.96
C ILE B 250 -16.44 0.77 2.44
N GLN B 251 -17.01 1.08 3.59
CA GLN B 251 -18.08 0.25 4.15
C GLN B 251 -19.30 0.26 3.23
N LYS B 252 -19.54 1.46 2.71
CA LYS B 252 -20.70 1.69 1.85
C LYS B 252 -20.68 0.72 0.67
N VAL B 253 -19.51 0.68 0.03
CA VAL B 253 -19.33 -0.14 -1.15
C VAL B 253 -19.40 -1.63 -0.81
N ILE B 254 -18.70 -2.05 0.24
CA ILE B 254 -18.68 -3.47 0.61
C ILE B 254 -20.06 -3.87 1.13
N ASP B 255 -20.69 -3.00 1.90
CA ASP B 255 -22.04 -3.32 2.41
C ASP B 255 -23.04 -3.45 1.27
N GLN B 256 -22.86 -2.65 0.23
CA GLN B 256 -23.79 -2.61 -0.87
C GLN B 256 -23.53 -3.73 -1.90
N PHE B 257 -22.26 -4.10 -2.07
CA PHE B 257 -21.92 -5.02 -3.15
C PHE B 257 -21.28 -6.32 -2.65
N ASP C 1 10.87 -8.65 -18.49
CA ASP C 1 11.55 -9.57 -17.59
C ASP C 1 10.58 -10.38 -16.74
N PHE C 2 9.28 -10.17 -16.93
CA PHE C 2 8.34 -10.91 -16.10
C PHE C 2 8.20 -12.33 -16.64
N GLU C 3 8.51 -13.27 -15.75
CA GLU C 3 8.24 -14.65 -16.08
C GLU C 3 6.78 -14.80 -16.50
N GLU C 4 6.58 -15.59 -17.53
CA GLU C 4 5.28 -15.98 -18.04
C GLU C 4 4.44 -16.59 -16.92
N ILE C 5 3.16 -16.26 -16.98
CA ILE C 5 2.17 -16.75 -16.03
C ILE C 5 1.40 -17.90 -16.65
N PRO C 6 0.91 -18.85 -15.87
CA PRO C 6 0.09 -19.93 -16.43
C PRO C 6 -1.03 -19.42 -17.31
N GLU C 7 -1.23 -20.04 -18.48
CA GLU C 7 -2.08 -19.48 -19.52
C GLU C 7 -3.50 -19.20 -19.01
N GLU C 8 -4.00 -20.12 -18.22
CA GLU C 8 -5.30 -20.08 -17.59
C GLU C 8 -5.59 -18.69 -17.06
N LEU C 10 -4.56 -15.98 -17.84
CA LEU C 10 -4.74 -14.97 -18.88
C LEU C 10 -5.78 -15.35 -19.92
#